data_4OFD
#
_entry.id   4OFD
#
_cell.length_a   118.962
_cell.length_b   120.008
_cell.length_c   119.912
_cell.angle_alpha   90.00
_cell.angle_beta   90.00
_cell.angle_gamma   90.00
#
_symmetry.space_group_name_H-M   'C 2 2 21'
#
loop_
_entity.id
_entity.type
_entity.pdbx_description
1 polymer 'Kin of IRRE-like protein 1'
2 branched beta-D-mannopyranose-(1-4)-2-acetamido-2-deoxy-beta-D-glucopyranose-(1-4)-2-acetamido-2-deoxy-beta-D-glucopyranose
3 branched 2-acetamido-2-deoxy-beta-D-glucopyranose-(1-4)-2-acetamido-2-deoxy-beta-D-glucopyranose
#
_entity_poly.entity_id   1
_entity_poly.type   'polypeptide(L)'
_entity_poly.pdbx_seq_one_letter_code
;ADPLPGTQTRFSQEPADQTVVAGQRAVLPCVLLNYSGIVQWTKDGLALGMGQGLKAWPRYRVVGSADAGQYNLEITDAEL
SDDASYECQATEAALRSRRAKLTVLIPPEETRIDGGPVILLQAGTPYNLTCRAFNAKPAATIIWFRDGTQQEGAVTSTEL
LKDGKRETTISQLLIEPTDLDIGRVFTCRSMNEAIPNGKETSIELDVHHHHHHH
;
_entity_poly.pdbx_strand_id   A,B
#
# COMPACT_ATOMS: atom_id res chain seq x y z
N GLN A 8 21.13 -17.65 -1.25
CA GLN A 8 20.80 -19.07 -1.42
C GLN A 8 19.60 -19.24 -2.34
N THR A 9 18.40 -19.24 -1.76
CA THR A 9 17.18 -19.41 -2.54
C THR A 9 16.89 -18.12 -3.32
N ARG A 10 16.41 -18.27 -4.55
CA ARG A 10 16.12 -17.10 -5.40
C ARG A 10 14.87 -17.29 -6.24
N PHE A 11 14.51 -16.25 -7.01
CA PHE A 11 13.38 -16.31 -7.92
C PHE A 11 13.90 -16.23 -9.36
N SER A 12 13.80 -17.31 -10.11
CA SER A 12 14.28 -17.31 -11.50
C SER A 12 13.41 -16.46 -12.41
N GLN A 13 12.10 -16.53 -12.17
CA GLN A 13 11.16 -15.70 -12.88
C GLN A 13 10.10 -15.22 -11.90
N GLU A 14 9.87 -13.92 -11.89
CA GLU A 14 8.87 -13.33 -11.02
C GLU A 14 7.66 -12.86 -11.80
N PRO A 15 6.48 -12.83 -11.15
CA PRO A 15 5.24 -12.39 -11.79
C PRO A 15 5.35 -11.00 -12.39
N ALA A 16 4.66 -10.76 -13.49
CA ALA A 16 4.72 -9.47 -14.17
C ALA A 16 3.32 -8.91 -14.35
N ASP A 17 3.27 -7.61 -14.65
CA ASP A 17 2.00 -6.95 -14.91
C ASP A 17 1.40 -7.50 -16.19
N GLN A 18 0.22 -8.12 -16.06
CA GLN A 18 -0.40 -8.78 -17.18
C GLN A 18 -1.75 -8.17 -17.49
N THR A 19 -2.09 -8.13 -18.77
CA THR A 19 -3.39 -7.63 -19.19
C THR A 19 -4.25 -8.80 -19.66
N VAL A 20 -5.39 -9.00 -19.00
CA VAL A 20 -6.29 -10.09 -19.32
C VAL A 20 -7.70 -9.57 -19.59
N VAL A 21 -8.35 -10.12 -20.61
CA VAL A 21 -9.70 -9.70 -20.97
C VAL A 21 -10.71 -10.53 -20.16
N ALA A 22 -11.94 -10.02 -20.03
CA ALA A 22 -12.97 -10.70 -19.25
C ALA A 22 -13.26 -12.11 -19.78
N GLY A 23 -13.55 -13.02 -18.86
CA GLY A 23 -13.83 -14.40 -19.21
C GLY A 23 -12.65 -15.08 -19.89
N GLN A 24 -11.44 -14.80 -19.41
CA GLN A 24 -10.24 -15.38 -20.00
C GLN A 24 -9.35 -16.00 -18.92
N ARG A 25 -8.38 -16.81 -19.36
CA ARG A 25 -7.48 -17.49 -18.43
C ARG A 25 -6.12 -16.79 -18.34
N ALA A 26 -5.62 -16.65 -17.11
CA ALA A 26 -4.34 -15.99 -16.86
C ALA A 26 -3.42 -16.82 -15.98
N VAL A 27 -2.12 -16.73 -16.23
CA VAL A 27 -1.13 -17.38 -15.37
C VAL A 27 0.00 -16.42 -15.00
N LEU A 28 0.32 -16.36 -13.70
CA LEU A 28 1.38 -15.49 -13.23
C LEU A 28 2.65 -16.29 -12.93
N PRO A 29 3.73 -16.01 -13.69
CA PRO A 29 4.99 -16.76 -13.67
C PRO A 29 5.81 -16.59 -12.38
N CYS A 30 5.81 -17.61 -11.53
CA CYS A 30 6.61 -17.59 -10.32
C CYS A 30 7.37 -18.91 -10.11
N VAL A 31 8.65 -18.89 -10.45
CA VAL A 31 9.49 -20.07 -10.25
C VAL A 31 10.70 -19.72 -9.39
N LEU A 32 10.89 -20.50 -8.33
CA LEU A 32 11.98 -20.27 -7.39
C LEU A 32 12.82 -21.52 -7.15
N LEU A 33 14.07 -21.47 -7.57
CA LEU A 33 15.01 -22.59 -7.38
C LEU A 33 15.52 -22.66 -5.95
N ASN A 34 16.10 -23.80 -5.57
CA ASN A 34 16.73 -23.99 -4.25
C ASN A 34 15.85 -23.63 -3.06
N TYR A 35 14.59 -24.01 -3.12
CA TYR A 35 13.63 -23.66 -2.08
C TYR A 35 13.06 -24.89 -1.37
N SER A 36 13.03 -24.84 -0.05
CA SER A 36 12.36 -25.90 0.71
C SER A 36 11.13 -25.37 1.43
N GLY A 37 10.90 -24.06 1.33
CA GLY A 37 9.79 -23.44 2.04
C GLY A 37 8.50 -23.41 1.26
N ILE A 38 7.38 -23.29 1.97
CA ILE A 38 6.07 -23.16 1.36
C ILE A 38 5.93 -21.82 0.65
N VAL A 39 5.24 -21.80 -0.49
CA VAL A 39 5.06 -20.59 -1.27
C VAL A 39 3.60 -20.17 -1.28
N GLN A 40 3.35 -18.89 -0.98
CA GLN A 40 2.01 -18.34 -0.91
C GLN A 40 1.86 -17.22 -1.95
N TRP A 41 0.66 -16.70 -2.09
CA TRP A 41 0.44 -15.58 -3.01
C TRP A 41 -0.28 -14.45 -2.28
N THR A 42 -0.01 -13.22 -2.71
CA THR A 42 -0.57 -12.05 -2.06
C THR A 42 -1.50 -11.27 -2.98
N LYS A 43 -2.73 -11.06 -2.53
CA LYS A 43 -3.68 -10.22 -3.26
C LYS A 43 -4.07 -8.99 -2.45
N ASP A 44 -3.41 -7.87 -2.74
CA ASP A 44 -3.61 -6.63 -1.98
C ASP A 44 -3.35 -6.85 -0.50
N GLY A 45 -2.30 -7.59 -0.19
CA GLY A 45 -1.98 -7.89 1.20
C GLY A 45 -2.93 -8.94 1.72
N LEU A 46 -3.28 -9.91 0.89
CA LEU A 46 -4.14 -11.02 1.30
C LEU A 46 -3.60 -12.38 0.85
N ALA A 47 -3.70 -13.35 1.74
CA ALA A 47 -3.14 -14.68 1.50
C ALA A 47 -4.11 -15.55 0.72
N LEU A 48 -3.54 -16.51 0.00
CA LEU A 48 -4.31 -17.35 -0.90
C LEU A 48 -4.60 -18.70 -0.26
N GLY A 53 -4.25 -25.58 -4.66
CA GLY A 53 -5.68 -25.70 -4.52
C GLY A 53 -6.23 -24.72 -3.51
N LEU A 54 -6.85 -23.65 -3.98
CA LEU A 54 -7.35 -22.60 -3.11
C LEU A 54 -8.81 -22.78 -2.75
N LYS A 55 -9.04 -23.26 -1.53
CA LYS A 55 -10.39 -23.56 -1.06
C LYS A 55 -11.11 -22.27 -0.65
N ALA A 56 -12.43 -22.36 -0.56
CA ALA A 56 -13.33 -21.27 -0.17
C ALA A 56 -13.26 -20.10 -1.15
N TRP A 57 -12.52 -20.30 -2.24
CA TRP A 57 -12.44 -19.33 -3.33
C TRP A 57 -12.61 -20.03 -4.68
N PRO A 58 -13.45 -19.45 -5.55
CA PRO A 58 -13.74 -19.96 -6.89
C PRO A 58 -12.78 -19.41 -7.95
N ARG A 59 -12.35 -20.28 -8.86
CA ARG A 59 -11.46 -20.00 -10.01
C ARG A 59 -10.02 -19.73 -9.58
N TYR A 60 -9.69 -20.03 -8.33
CA TYR A 60 -8.31 -19.87 -7.85
C TYR A 60 -7.62 -21.21 -7.64
N ARG A 61 -6.55 -21.43 -8.41
CA ARG A 61 -5.75 -22.63 -8.32
C ARG A 61 -4.30 -22.38 -8.75
N VAL A 62 -3.37 -22.55 -7.83
CA VAL A 62 -1.94 -22.44 -8.14
C VAL A 62 -1.47 -23.69 -8.87
N VAL A 63 -0.73 -23.51 -9.96
CA VAL A 63 -0.28 -24.65 -10.75
C VAL A 63 1.18 -24.54 -11.15
N GLY A 64 1.71 -25.60 -11.76
CA GLY A 64 3.10 -25.66 -12.15
C GLY A 64 3.80 -26.83 -11.50
N SER A 65 5.11 -26.91 -11.69
CA SER A 65 5.90 -28.00 -11.14
C SER A 65 6.52 -27.69 -9.79
N ALA A 66 6.05 -28.38 -8.76
CA ALA A 66 6.63 -28.28 -7.42
C ALA A 66 8.05 -28.83 -7.44
N ASP A 67 8.28 -29.83 -8.28
CA ASP A 67 9.59 -30.48 -8.41
C ASP A 67 10.65 -29.54 -9.00
N ALA A 68 10.27 -28.78 -10.02
CA ALA A 68 11.19 -27.86 -10.67
C ALA A 68 11.14 -26.46 -10.04
N GLY A 69 10.32 -26.34 -8.99
CA GLY A 69 10.17 -25.09 -8.25
C GLY A 69 9.19 -24.09 -8.82
N GLN A 70 8.49 -24.46 -9.88
CA GLN A 70 7.53 -23.57 -10.53
C GLN A 70 6.20 -23.48 -9.77
N TYR A 71 5.85 -22.27 -9.35
CA TYR A 71 4.55 -22.02 -8.72
C TYR A 71 3.79 -20.89 -9.41
N ASN A 72 3.12 -21.19 -10.51
CA ASN A 72 2.35 -20.19 -11.24
C ASN A 72 0.89 -20.17 -10.81
N LEU A 73 0.34 -18.97 -10.65
CA LEU A 73 -1.07 -18.85 -10.27
C LEU A 73 -1.96 -18.81 -11.50
N GLU A 74 -3.06 -19.55 -11.45
CA GLU A 74 -3.98 -19.65 -12.58
C GLU A 74 -5.36 -19.10 -12.25
N ILE A 75 -5.82 -18.13 -13.05
CA ILE A 75 -7.15 -17.57 -12.87
C ILE A 75 -8.04 -17.77 -14.10
N THR A 76 -9.10 -18.55 -13.94
CA THR A 76 -10.05 -18.81 -15.02
C THR A 76 -11.30 -17.92 -14.89
N ASP A 77 -11.84 -17.50 -16.03
CA ASP A 77 -13.01 -16.62 -16.07
C ASP A 77 -12.74 -15.35 -15.29
N ALA A 78 -11.87 -14.51 -15.84
CA ALA A 78 -11.46 -13.27 -15.19
C ALA A 78 -12.63 -12.33 -14.93
N GLU A 79 -12.51 -11.51 -13.89
CA GLU A 79 -13.56 -10.59 -13.50
C GLU A 79 -12.97 -9.29 -12.98
N LEU A 80 -13.80 -8.25 -12.87
CA LEU A 80 -13.34 -6.95 -12.41
C LEU A 80 -12.79 -7.00 -10.99
N SER A 81 -13.33 -7.93 -10.19
CA SER A 81 -12.88 -8.09 -8.81
C SER A 81 -11.44 -8.55 -8.75
N ASP A 82 -11.04 -9.35 -9.73
CA ASP A 82 -9.70 -9.92 -9.80
C ASP A 82 -8.63 -8.89 -10.16
N ASP A 83 -9.07 -7.72 -10.61
CA ASP A 83 -8.17 -6.60 -10.86
C ASP A 83 -7.50 -6.17 -9.56
N ALA A 84 -6.29 -6.65 -9.34
CA ALA A 84 -5.57 -6.36 -8.10
C ALA A 84 -4.07 -6.48 -8.28
N SER A 85 -3.35 -6.38 -7.16
CA SER A 85 -1.90 -6.49 -7.16
C SER A 85 -1.51 -7.82 -6.54
N TYR A 86 -0.57 -8.51 -7.18
CA TYR A 86 -0.19 -9.84 -6.72
C TYR A 86 1.31 -9.98 -6.50
N GLU A 87 1.68 -10.99 -5.71
CA GLU A 87 3.07 -11.39 -5.54
C GLU A 87 3.13 -12.79 -4.96
N CYS A 88 4.08 -13.59 -5.43
CA CYS A 88 4.21 -14.98 -4.96
C CYS A 88 5.30 -15.06 -3.91
N GLN A 89 4.99 -14.51 -2.74
CA GLN A 89 5.90 -14.52 -1.62
C GLN A 89 5.89 -15.88 -0.94
N ALA A 90 7.01 -16.27 -0.33
CA ALA A 90 7.05 -17.57 0.33
C ALA A 90 7.39 -17.41 1.81
N THR A 91 6.88 -18.34 2.61
CA THR A 91 7.13 -18.33 4.05
C THR A 91 8.43 -19.09 4.28
N GLU A 92 8.76 -19.38 5.53
CA GLU A 92 9.91 -20.20 5.90
C GLU A 92 11.24 -19.60 5.39
N ALA A 93 11.55 -18.40 5.91
CA ALA A 93 12.80 -17.68 5.64
C ALA A 93 12.88 -17.19 4.20
N ALA A 94 11.73 -17.11 3.53
CA ALA A 94 11.69 -16.66 2.16
C ALA A 94 11.18 -15.22 2.00
N LEU A 95 11.49 -14.62 0.86
CA LEU A 95 11.13 -13.24 0.55
C LEU A 95 9.91 -13.14 -0.35
N ARG A 96 9.41 -11.92 -0.52
CA ARG A 96 8.29 -11.65 -1.44
C ARG A 96 8.79 -11.66 -2.87
N SER A 97 7.88 -11.47 -3.82
CA SER A 97 8.25 -11.56 -5.23
C SER A 97 7.58 -10.51 -6.11
N ARG A 98 8.23 -9.37 -6.27
CA ARG A 98 7.79 -8.32 -7.19
C ARG A 98 6.33 -7.91 -6.95
N ARG A 99 5.78 -7.16 -7.91
CA ARG A 99 4.40 -6.74 -7.87
C ARG A 99 3.74 -7.12 -9.18
N ALA A 100 2.53 -7.65 -9.10
CA ALA A 100 1.82 -8.07 -10.30
C ALA A 100 0.52 -7.31 -10.46
N LYS A 101 0.55 -6.29 -11.30
CA LYS A 101 -0.65 -5.52 -11.59
C LYS A 101 -1.41 -6.21 -12.71
N LEU A 102 -2.51 -6.83 -12.36
CA LEU A 102 -3.33 -7.54 -13.31
C LEU A 102 -4.45 -6.64 -13.84
N THR A 103 -4.37 -6.26 -15.09
CA THR A 103 -5.39 -5.41 -15.68
C THR A 103 -6.47 -6.25 -16.37
N VAL A 104 -7.61 -6.41 -15.71
CA VAL A 104 -8.71 -7.19 -16.25
C VAL A 104 -9.65 -6.35 -17.11
N LEU A 105 -9.42 -6.37 -18.41
CA LEU A 105 -10.21 -5.58 -19.35
C LEU A 105 -11.64 -6.08 -19.40
N ILE A 106 -12.60 -5.16 -19.53
CA ILE A 106 -13.99 -5.55 -19.69
C ILE A 106 -14.66 -4.81 -20.85
N PRO A 107 -15.47 -5.54 -21.63
CA PRO A 107 -16.26 -5.00 -22.74
C PRO A 107 -17.38 -4.10 -22.24
N PRO A 108 -17.87 -3.20 -23.10
CA PRO A 108 -19.02 -2.36 -22.78
C PRO A 108 -20.30 -3.18 -22.64
N GLU A 109 -21.27 -2.65 -21.92
CA GLU A 109 -22.52 -3.35 -21.68
C GLU A 109 -23.69 -2.55 -22.20
N GLU A 110 -24.51 -3.19 -23.05
CA GLU A 110 -25.77 -2.62 -23.52
C GLU A 110 -25.61 -1.21 -24.10
N THR A 111 -24.59 -1.01 -24.93
CA THR A 111 -24.39 0.30 -25.54
C THR A 111 -25.50 0.59 -26.52
N ARG A 112 -26.10 1.76 -26.40
CA ARG A 112 -27.22 2.12 -27.25
C ARG A 112 -27.28 3.61 -27.50
N ILE A 113 -28.10 3.99 -28.46
CA ILE A 113 -28.28 5.38 -28.82
C ILE A 113 -29.53 5.94 -28.13
N ASP A 114 -29.38 7.07 -27.45
CA ASP A 114 -30.49 7.67 -26.73
C ASP A 114 -31.47 8.32 -27.70
N GLY A 115 -32.09 7.49 -28.55
CA GLY A 115 -33.08 7.96 -29.51
C GLY A 115 -34.23 6.99 -29.68
N GLY A 116 -34.12 5.82 -29.04
CA GLY A 116 -35.11 4.77 -29.22
C GLY A 116 -34.82 4.03 -30.51
N PRO A 117 -35.76 3.15 -30.93
CA PRO A 117 -35.63 2.45 -32.21
C PRO A 117 -35.57 3.42 -33.40
N VAL A 118 -36.41 4.45 -33.35
CA VAL A 118 -36.45 5.48 -34.37
C VAL A 118 -36.60 6.85 -33.73
N ILE A 119 -35.82 7.83 -34.19
CA ILE A 119 -35.90 9.17 -33.64
C ILE A 119 -36.46 10.17 -34.68
N LEU A 120 -37.77 10.40 -34.60
CA LEU A 120 -38.44 11.30 -35.53
C LEU A 120 -38.24 12.75 -35.13
N LEU A 121 -37.71 13.55 -36.04
N PRO A 126 -32.39 20.82 -36.25
CA PRO A 126 -31.22 21.04 -35.42
C PRO A 126 -31.12 20.02 -34.29
N TYR A 127 -31.45 18.76 -34.61
CA TYR A 127 -31.49 17.69 -33.63
C TYR A 127 -30.10 17.21 -33.20
N ASN A 128 -30.09 16.27 -32.26
CA ASN A 128 -28.85 15.75 -31.68
C ASN A 128 -28.94 14.24 -31.48
N LEU A 129 -27.81 13.56 -31.55
CA LEU A 129 -27.76 12.16 -31.11
C LEU A 129 -26.61 11.93 -30.17
N THR A 130 -26.63 10.77 -29.51
CA THR A 130 -25.57 10.38 -28.61
C THR A 130 -25.64 8.88 -28.37
N CYS A 131 -24.52 8.23 -28.64
CA CYS A 131 -24.40 6.81 -28.39
C CYS A 131 -23.64 6.68 -27.09
N ARG A 132 -24.03 5.73 -26.26
CA ARG A 132 -23.47 5.67 -24.92
C ARG A 132 -22.98 4.28 -24.57
N ALA A 133 -21.67 4.18 -24.35
CA ALA A 133 -21.06 2.95 -23.89
C ALA A 133 -21.09 2.95 -22.37
N PHE A 134 -21.47 1.82 -21.80
CA PHE A 134 -21.67 1.74 -20.37
C PHE A 134 -20.85 0.64 -19.73
N ASN A 135 -20.17 0.99 -18.65
CA ASN A 135 -19.47 0.04 -17.81
C ASN A 135 -18.42 -0.77 -18.57
N ALA A 136 -17.47 -0.06 -19.17
CA ALA A 136 -16.37 -0.71 -19.87
C ALA A 136 -15.03 -0.26 -19.32
N LYS A 137 -14.07 -1.17 -19.29
CA LYS A 137 -12.70 -0.83 -18.94
C LYS A 137 -11.72 -1.45 -19.93
N PRO A 138 -10.87 -0.60 -20.55
CA PRO A 138 -10.82 0.86 -20.37
C PRO A 138 -12.01 1.55 -21.04
N ALA A 139 -12.11 2.87 -20.88
CA ALA A 139 -13.21 3.63 -21.47
C ALA A 139 -13.33 3.34 -22.96
N ALA A 140 -14.42 2.70 -23.34
CA ALA A 140 -14.64 2.32 -24.73
C ALA A 140 -14.76 3.55 -25.63
N THR A 141 -14.23 3.44 -26.85
CA THR A 141 -14.33 4.54 -27.79
C THR A 141 -15.54 4.35 -28.69
N ILE A 142 -16.27 5.44 -28.91
CA ILE A 142 -17.47 5.42 -29.73
C ILE A 142 -17.13 5.92 -31.13
N ILE A 143 -17.57 5.20 -32.14
CA ILE A 143 -17.34 5.67 -33.50
C ILE A 143 -18.67 5.78 -34.26
N TRP A 144 -18.89 6.96 -34.84
CA TRP A 144 -20.14 7.30 -35.50
C TRP A 144 -20.05 7.21 -37.02
N PHE A 145 -21.01 6.54 -37.65
CA PHE A 145 -21.06 6.46 -39.10
C PHE A 145 -22.37 5.89 -39.65
N ARG A 146 -22.91 6.57 -40.67
CA ARG A 146 -24.10 6.08 -41.34
C ARG A 146 -23.72 4.92 -42.28
N ASP A 147 -22.66 5.11 -43.05
CA ASP A 147 -22.16 4.08 -43.96
C ASP A 147 -20.65 4.17 -44.06
N GLY A 148 -20.12 5.33 -43.68
CA GLY A 148 -18.69 5.54 -43.61
C GLY A 148 -18.40 6.49 -42.46
N THR A 149 -17.22 6.39 -41.86
CA THR A 149 -16.91 7.09 -40.61
C THR A 149 -17.17 8.59 -40.69
N GLN A 150 -18.02 9.06 -39.78
CA GLN A 150 -18.37 10.47 -39.75
C GLN A 150 -17.92 11.07 -38.43
N GLN A 151 -16.62 10.99 -38.18
CA GLN A 151 -16.01 11.57 -36.97
C GLN A 151 -16.42 13.02 -36.75
N GLU A 152 -16.63 13.76 -37.84
CA GLU A 152 -17.09 15.13 -37.75
C GLU A 152 -18.42 15.19 -37.00
N GLY A 153 -18.44 15.97 -35.91
CA GLY A 153 -19.65 16.11 -35.12
C GLY A 153 -19.60 15.29 -33.84
N ALA A 154 -18.98 14.12 -33.91
CA ALA A 154 -18.89 13.23 -32.75
C ALA A 154 -18.11 13.89 -31.61
N VAL A 155 -18.72 13.95 -30.43
CA VAL A 155 -18.08 14.56 -29.27
C VAL A 155 -17.95 13.53 -28.15
N THR A 156 -16.78 12.90 -28.06
CA THR A 156 -16.55 11.86 -27.06
C THR A 156 -16.28 12.48 -25.70
N SER A 157 -17.09 12.10 -24.72
CA SER A 157 -16.92 12.56 -23.35
C SER A 157 -17.04 11.39 -22.39
N THR A 158 -15.94 11.08 -21.70
CA THR A 158 -15.89 9.93 -20.81
C THR A 158 -16.45 10.25 -19.42
N GLU A 159 -17.30 9.36 -18.92
CA GLU A 159 -17.88 9.52 -17.60
C GLU A 159 -17.48 8.38 -16.67
N LEU A 160 -16.69 8.70 -15.64
CA LEU A 160 -16.27 7.72 -14.66
C LEU A 160 -17.44 7.26 -13.80
N LEU A 161 -17.36 6.06 -13.25
CA LEU A 161 -18.45 5.49 -12.48
C LEU A 161 -18.08 5.47 -11.00
N LYS A 162 -18.99 4.95 -10.16
CA LYS A 162 -18.84 4.96 -8.70
C LYS A 162 -17.55 4.31 -8.22
N ASP A 163 -17.36 3.05 -8.58
CA ASP A 163 -16.18 2.30 -8.14
C ASP A 163 -14.88 2.80 -8.76
N GLY A 164 -14.98 3.80 -9.63
CA GLY A 164 -13.81 4.45 -10.20
C GLY A 164 -12.91 3.59 -11.07
N LYS A 165 -13.27 2.33 -11.25
CA LYS A 165 -12.48 1.42 -12.08
C LYS A 165 -12.93 1.45 -13.54
N ARG A 166 -14.24 1.39 -13.75
CA ARG A 166 -14.80 1.41 -15.10
C ARG A 166 -15.43 2.76 -15.41
N GLU A 167 -15.69 3.01 -16.68
CA GLU A 167 -16.26 4.29 -17.10
C GLU A 167 -17.43 4.10 -18.03
N THR A 168 -18.08 5.21 -18.38
CA THR A 168 -19.24 5.18 -19.25
C THR A 168 -19.11 6.28 -20.31
N THR A 169 -18.32 5.99 -21.34
CA THR A 169 -18.09 6.93 -22.42
C THR A 169 -19.35 7.26 -23.20
N ILE A 170 -19.60 8.56 -23.41
CA ILE A 170 -20.75 8.98 -24.18
C ILE A 170 -20.34 9.97 -25.28
N SER A 171 -20.62 9.60 -26.53
CA SER A 171 -20.29 10.46 -27.66
C SER A 171 -21.53 11.14 -28.22
N GLN A 172 -21.58 12.45 -28.08
CA GLN A 172 -22.71 13.23 -28.54
C GLN A 172 -22.49 13.67 -29.98
N LEU A 173 -23.44 13.35 -30.85
CA LEU A 173 -23.30 13.65 -32.26
C LEU A 173 -24.05 14.94 -32.63
N LEU A 174 -23.42 15.75 -33.46
CA LEU A 174 -23.98 17.02 -33.90
C LEU A 174 -24.63 16.87 -35.27
N ILE A 175 -25.84 16.33 -35.30
CA ILE A 175 -26.56 16.11 -36.55
C ILE A 175 -27.40 17.33 -36.88
N GLU A 176 -27.88 17.40 -38.12
CA GLU A 176 -28.83 18.43 -38.53
C GLU A 176 -29.74 17.87 -39.62
N PRO A 177 -30.75 17.08 -39.21
CA PRO A 177 -31.65 16.31 -40.08
C PRO A 177 -32.24 17.10 -41.24
N THR A 178 -32.55 16.39 -42.33
CA THR A 178 -33.12 16.98 -43.52
C THR A 178 -33.97 15.97 -44.27
N ASP A 179 -34.52 16.38 -45.41
CA ASP A 179 -35.37 15.52 -46.22
C ASP A 179 -34.61 14.34 -46.84
N LEU A 180 -33.28 14.41 -46.79
CA LEU A 180 -32.43 13.36 -47.37
C LEU A 180 -32.20 12.22 -46.38
N ASP A 181 -31.72 12.57 -45.20
CA ASP A 181 -31.35 11.58 -44.17
C ASP A 181 -32.50 10.68 -43.71
N ILE A 182 -33.72 10.98 -44.13
CA ILE A 182 -34.86 10.13 -43.79
C ILE A 182 -34.70 8.75 -44.42
N GLY A 183 -35.09 7.72 -43.68
CA GLY A 183 -34.92 6.36 -44.16
C GLY A 183 -33.49 5.87 -44.09
N ARG A 184 -32.57 6.78 -43.78
CA ARG A 184 -31.14 6.44 -43.71
C ARG A 184 -30.72 6.07 -42.30
N VAL A 185 -30.14 4.89 -42.16
CA VAL A 185 -29.75 4.35 -40.85
C VAL A 185 -28.50 5.02 -40.26
N PHE A 186 -28.54 5.26 -38.96
CA PHE A 186 -27.38 5.77 -38.25
C PHE A 186 -26.88 4.76 -37.22
N THR A 187 -25.79 4.09 -37.54
CA THR A 187 -25.26 3.07 -36.65
C THR A 187 -24.13 3.66 -35.81
N CYS A 188 -23.97 3.11 -34.61
CA CYS A 188 -22.95 3.59 -33.69
C CYS A 188 -22.18 2.43 -33.09
N ARG A 189 -20.88 2.36 -33.37
CA ARG A 189 -20.06 1.30 -32.82
C ARG A 189 -19.22 1.78 -31.65
N SER A 190 -18.92 0.86 -30.75
CA SER A 190 -18.18 1.19 -29.54
C SER A 190 -17.23 0.05 -29.18
N MET A 191 -15.94 0.34 -29.16
CA MET A 191 -14.96 -0.69 -28.90
C MET A 191 -13.93 -0.27 -27.86
N ASN A 192 -13.20 -1.25 -27.33
CA ASN A 192 -12.12 -0.99 -26.39
C ASN A 192 -11.06 -2.09 -26.52
N GLU A 193 -10.01 -2.01 -25.71
CA GLU A 193 -8.95 -3.02 -25.74
C GLU A 193 -9.49 -4.43 -25.52
N ALA A 194 -10.64 -4.53 -24.85
CA ALA A 194 -11.29 -5.81 -24.60
C ALA A 194 -12.11 -6.25 -25.82
N ILE A 195 -12.42 -5.31 -26.69
CA ILE A 195 -13.26 -5.60 -27.85
C ILE A 195 -12.58 -5.16 -29.14
N PRO A 196 -12.16 -6.13 -29.96
CA PRO A 196 -11.50 -5.80 -31.20
C PRO A 196 -12.45 -5.07 -32.13
N ASN A 197 -13.68 -5.56 -32.19
CA ASN A 197 -14.70 -4.97 -33.04
C ASN A 197 -15.95 -4.66 -32.25
N GLY A 198 -16.24 -3.37 -32.08
CA GLY A 198 -17.32 -2.96 -31.20
C GLY A 198 -18.69 -3.31 -31.73
N LYS A 199 -19.64 -3.49 -30.82
CA LYS A 199 -21.02 -3.75 -31.19
C LYS A 199 -21.68 -2.44 -31.59
N GLU A 200 -22.70 -2.51 -32.44
CA GLU A 200 -23.35 -1.31 -32.91
C GLU A 200 -24.87 -1.36 -32.79
N THR A 201 -25.45 -0.19 -32.51
CA THR A 201 -26.88 -0.05 -32.41
C THR A 201 -27.37 0.77 -33.59
N SER A 202 -28.34 0.24 -34.32
CA SER A 202 -28.86 0.88 -35.51
C SER A 202 -30.14 1.67 -35.24
N ILE A 203 -30.09 2.97 -35.52
CA ILE A 203 -31.23 3.84 -35.29
C ILE A 203 -31.67 4.47 -36.61
N GLU A 204 -32.95 4.80 -36.71
CA GLU A 204 -33.52 5.33 -37.93
C GLU A 204 -33.88 6.81 -37.80
N LEU A 205 -33.40 7.61 -38.74
CA LEU A 205 -33.72 9.03 -38.75
C LEU A 205 -35.10 9.27 -39.37
N ASP A 206 -35.73 10.38 -38.98
CA ASP A 206 -37.05 10.74 -39.49
C ASP A 206 -37.36 12.20 -39.18
N THR B 7 -25.10 -16.67 10.24
CA THR B 7 -24.26 -16.28 11.37
C THR B 7 -22.82 -16.73 11.16
N GLN B 8 -22.12 -16.06 10.26
CA GLN B 8 -20.74 -16.44 9.91
C GLN B 8 -19.72 -15.91 10.91
N THR B 9 -18.45 -15.99 10.52
CA THR B 9 -17.33 -15.56 11.36
C THR B 9 -17.24 -14.03 11.44
N ARG B 10 -16.83 -13.53 12.60
CA ARG B 10 -16.67 -12.10 12.81
C ARG B 10 -15.43 -11.84 13.65
N PHE B 11 -15.11 -10.56 13.85
CA PHE B 11 -13.97 -10.17 14.68
C PHE B 11 -14.43 -9.48 15.96
N SER B 12 -14.21 -10.13 17.09
CA SER B 12 -14.61 -9.56 18.37
C SER B 12 -13.77 -8.32 18.66
N GLN B 13 -12.47 -8.43 18.42
CA GLN B 13 -11.56 -7.30 18.53
C GLN B 13 -10.49 -7.36 17.44
N GLU B 14 -10.30 -6.25 16.72
CA GLU B 14 -9.26 -6.19 15.71
C GLU B 14 -8.09 -5.35 16.18
N PRO B 15 -6.87 -5.64 15.67
CA PRO B 15 -5.68 -4.89 16.06
C PRO B 15 -5.78 -3.40 15.79
N ALA B 16 -5.15 -2.60 16.65
CA ALA B 16 -5.16 -1.15 16.53
C ALA B 16 -3.75 -0.58 16.47
N ASP B 17 -3.64 0.68 16.08
CA ASP B 17 -2.34 1.36 16.01
C ASP B 17 -1.72 1.53 17.39
N GLN B 18 -0.55 0.93 17.58
CA GLN B 18 0.11 0.90 18.89
C GLN B 18 1.49 1.56 18.87
N THR B 19 1.85 2.19 19.97
CA THR B 19 3.17 2.81 20.09
C THR B 19 4.06 1.99 21.03
N VAL B 20 5.19 1.52 20.50
CA VAL B 20 6.11 0.70 21.27
C VAL B 20 7.52 1.28 21.27
N VAL B 21 8.18 1.26 22.42
CA VAL B 21 9.54 1.75 22.52
C VAL B 21 10.48 0.58 22.22
N ALA B 22 11.72 0.89 21.82
CA ALA B 22 12.68 -0.15 21.49
C ALA B 22 12.93 -1.07 22.68
N GLY B 23 13.20 -2.34 22.41
CA GLY B 23 13.42 -3.31 23.47
C GLY B 23 12.23 -3.52 24.39
N GLN B 24 11.03 -3.55 23.80
CA GLN B 24 9.80 -3.75 24.55
C GLN B 24 8.96 -4.86 23.93
N ARG B 25 7.99 -5.37 24.68
CA ARG B 25 7.12 -6.42 24.17
C ARG B 25 5.78 -5.84 23.76
N ALA B 26 5.28 -6.27 22.60
CA ALA B 26 4.00 -5.78 22.09
C ALA B 26 3.09 -6.93 21.69
N VAL B 27 1.79 -6.74 21.90
CA VAL B 27 0.78 -7.71 21.48
C VAL B 27 -0.38 -7.03 20.77
N LEU B 28 -0.76 -7.57 19.62
CA LEU B 28 -1.87 -7.02 18.84
C LEU B 28 -3.15 -7.82 19.03
N PRO B 29 -4.19 -7.18 19.58
CA PRO B 29 -5.44 -7.85 19.94
C PRO B 29 -6.22 -8.30 18.71
N CYS B 30 -6.19 -9.60 18.44
CA CYS B 30 -6.94 -10.15 17.32
C CYS B 30 -7.70 -11.39 17.74
N VAL B 31 -8.99 -11.22 18.01
CA VAL B 31 -9.87 -12.32 18.37
C VAL B 31 -11.06 -12.37 17.43
N LEU B 32 -11.28 -13.55 16.86
CA LEU B 32 -12.39 -13.73 15.94
C LEU B 32 -13.20 -14.93 16.38
N LEU B 33 -14.43 -14.66 16.78
CA LEU B 33 -15.34 -15.70 17.25
C LEU B 33 -15.90 -16.53 16.10
N ASN B 34 -16.45 -17.69 16.44
CA ASN B 34 -17.05 -18.61 15.48
C ASN B 34 -16.09 -19.00 14.36
N TYR B 35 -14.81 -19.13 14.70
CA TYR B 35 -13.80 -19.49 13.72
C TYR B 35 -13.02 -20.74 14.14
N SER B 36 -12.91 -21.70 13.23
CA SER B 36 -12.09 -22.89 13.43
C SER B 36 -10.95 -22.93 12.43
N GLY B 37 -10.92 -21.92 11.56
CA GLY B 37 -9.98 -21.85 10.46
C GLY B 37 -8.64 -21.25 10.80
N ILE B 38 -7.65 -21.48 9.94
CA ILE B 38 -6.33 -20.91 10.11
C ILE B 38 -6.35 -19.39 10.03
N VAL B 39 -5.57 -18.76 10.91
CA VAL B 39 -5.47 -17.31 10.97
C VAL B 39 -4.04 -16.90 10.65
N GLN B 40 -3.89 -15.93 9.74
CA GLN B 40 -2.57 -15.49 9.33
C GLN B 40 -2.37 -14.02 9.67
N TRP B 41 -1.14 -13.53 9.50
CA TRP B 41 -0.85 -12.13 9.74
C TRP B 41 -0.13 -11.51 8.56
N THR B 42 -0.40 -10.22 8.33
CA THR B 42 0.17 -9.52 7.19
C THR B 42 1.09 -8.40 7.66
N LYS B 43 2.34 -8.44 7.23
CA LYS B 43 3.30 -7.38 7.54
C LYS B 43 3.73 -6.65 6.27
N ASP B 44 3.08 -5.54 5.98
CA ASP B 44 3.28 -4.80 4.73
C ASP B 44 3.07 -5.68 3.52
N GLY B 45 2.04 -6.52 3.57
CA GLY B 45 1.79 -7.46 2.50
C GLY B 45 2.73 -8.63 2.57
N LEU B 46 3.02 -9.10 3.78
CA LEU B 46 3.85 -10.29 3.97
C LEU B 46 3.24 -11.23 5.01
N ALA B 47 3.28 -12.53 4.71
CA ALA B 47 2.68 -13.56 5.55
C ALA B 47 3.66 -13.98 6.63
N LEU B 48 3.13 -14.47 7.74
CA LEU B 48 3.96 -14.79 8.89
C LEU B 48 4.25 -16.27 9.02
N GLY B 49 3.23 -17.06 9.32
CA GLY B 49 3.40 -18.50 9.48
C GLY B 49 2.13 -19.23 9.87
N MET B 50 2.10 -20.51 9.58
CA MET B 50 0.93 -21.34 9.86
C MET B 50 1.08 -22.03 11.19
N GLY B 51 -0.04 -22.24 11.87
CA GLY B 51 -0.03 -22.75 13.23
C GLY B 51 0.40 -21.62 14.15
N GLN B 52 0.68 -21.95 15.41
CA GLN B 52 1.08 -20.93 16.37
C GLN B 52 2.59 -20.89 16.55
N GLY B 53 3.29 -21.60 15.66
CA GLY B 53 4.74 -21.59 15.68
C GLY B 53 5.31 -20.93 14.44
N LEU B 54 5.80 -19.70 14.61
CA LEU B 54 6.32 -18.94 13.47
C LEU B 54 7.82 -19.15 13.36
N LYS B 55 8.20 -20.06 12.48
CA LYS B 55 9.60 -20.43 12.27
C LYS B 55 10.27 -19.40 11.38
N ALA B 56 11.60 -19.40 11.38
CA ALA B 56 12.40 -18.52 10.54
C ALA B 56 12.15 -17.04 10.82
N TRP B 57 11.49 -16.76 11.94
CA TRP B 57 11.25 -15.38 12.35
C TRP B 57 11.71 -15.21 13.79
N PRO B 58 12.49 -14.16 14.05
CA PRO B 58 12.95 -13.90 15.43
C PRO B 58 11.98 -12.99 16.16
N ARG B 59 11.66 -13.35 17.41
CA ARG B 59 10.80 -12.58 18.31
C ARG B 59 9.34 -12.53 17.85
N TYR B 60 8.99 -13.39 16.90
CA TYR B 60 7.60 -13.49 16.45
C TYR B 60 6.96 -14.80 16.87
N ARG B 61 5.90 -14.69 17.68
CA ARG B 61 5.14 -15.84 18.16
C ARG B 61 3.70 -15.43 18.42
N VAL B 62 2.75 -16.01 17.69
CA VAL B 62 1.34 -15.72 17.95
C VAL B 62 0.88 -16.46 19.22
N VAL B 63 0.19 -15.73 20.09
CA VAL B 63 -0.27 -16.27 21.36
C VAL B 63 -1.73 -15.87 21.60
N GLY B 64 -2.31 -16.39 22.68
CA GLY B 64 -3.71 -16.14 22.97
C GLY B 64 -4.46 -17.45 23.05
N SER B 65 -5.78 -17.36 23.13
CA SER B 65 -6.61 -18.55 23.22
C SER B 65 -6.99 -19.05 21.84
N ALA B 66 -6.44 -20.21 21.46
CA ALA B 66 -6.80 -20.84 20.20
C ALA B 66 -8.26 -21.24 20.21
N ASP B 67 -8.76 -21.59 21.40
CA ASP B 67 -10.14 -21.99 21.59
C ASP B 67 -11.14 -20.85 21.40
N ALA B 68 -10.78 -19.67 21.88
CA ALA B 68 -11.67 -18.51 21.82
C ALA B 68 -11.47 -17.75 20.52
N GLY B 69 -10.63 -18.27 19.65
CA GLY B 69 -10.37 -17.64 18.36
C GLY B 69 -9.35 -16.53 18.50
N GLN B 70 -8.77 -16.41 19.68
CA GLN B 70 -7.79 -15.37 19.94
C GLN B 70 -6.47 -15.75 19.28
N TYR B 71 -6.04 -14.92 18.34
CA TYR B 71 -4.73 -15.08 17.72
C TYR B 71 -4.00 -13.76 17.81
N ASN B 72 -3.39 -13.50 18.96
CA ASN B 72 -2.64 -12.27 19.16
C ASN B 72 -1.17 -12.50 18.84
N LEU B 73 -0.58 -11.59 18.09
CA LEU B 73 0.83 -11.73 17.72
C LEU B 73 1.71 -11.08 18.79
N GLU B 74 2.79 -11.76 19.15
CA GLU B 74 3.68 -11.26 20.20
C GLU B 74 5.07 -10.95 19.65
N ILE B 75 5.49 -9.71 19.82
CA ILE B 75 6.80 -9.27 19.41
C ILE B 75 7.63 -8.81 20.61
N THR B 76 8.69 -9.55 20.90
CA THR B 76 9.57 -9.20 22.01
C THR B 76 10.81 -8.48 21.51
N ASP B 77 11.31 -7.52 22.29
CA ASP B 77 12.50 -6.76 21.92
C ASP B 77 12.28 -6.07 20.57
N ALA B 78 11.41 -5.07 20.57
CA ALA B 78 11.05 -4.32 19.37
C ALA B 78 12.28 -3.68 18.71
N GLU B 79 12.16 -3.45 17.41
CA GLU B 79 13.27 -2.91 16.63
C GLU B 79 12.73 -1.96 15.56
N LEU B 80 13.61 -1.19 14.93
CA LEU B 80 13.22 -0.23 13.90
C LEU B 80 12.55 -0.95 12.74
N SER B 81 12.96 -2.20 12.52
CA SER B 81 12.43 -3.03 11.44
C SER B 81 10.95 -3.31 11.65
N ASP B 82 10.56 -3.46 12.91
CA ASP B 82 9.18 -3.82 13.24
C ASP B 82 8.21 -2.67 13.03
N ASP B 83 8.73 -1.45 12.86
CA ASP B 83 7.87 -0.31 12.54
C ASP B 83 7.22 -0.53 11.18
N ALA B 84 6.00 -1.06 11.18
CA ALA B 84 5.32 -1.38 9.93
C ALA B 84 3.80 -1.46 10.09
N SER B 85 3.11 -1.90 9.04
CA SER B 85 1.66 -2.05 9.06
C SER B 85 1.27 -3.52 9.12
N TYR B 86 0.31 -3.84 10.00
CA TYR B 86 -0.08 -5.23 10.22
C TYR B 86 -1.59 -5.48 10.09
N GLU B 87 -1.96 -6.74 9.87
CA GLU B 87 -3.37 -7.16 9.91
C GLU B 87 -3.47 -8.68 10.05
N CYS B 88 -4.42 -9.13 10.86
CA CYS B 88 -4.60 -10.55 11.11
C CYS B 88 -5.74 -11.12 10.28
N GLN B 89 -5.50 -11.21 8.98
CA GLN B 89 -6.45 -11.82 8.07
C GLN B 89 -6.43 -13.33 8.19
N ALA B 90 -7.57 -13.94 7.89
CA ALA B 90 -7.66 -15.38 7.95
C ALA B 90 -8.09 -15.93 6.61
N THR B 91 -7.72 -17.18 6.34
CA THR B 91 -8.07 -17.83 5.10
C THR B 91 -9.42 -18.52 5.31
N GLU B 92 -9.82 -19.36 4.35
CA GLU B 92 -11.02 -20.17 4.48
C GLU B 92 -12.28 -19.32 4.67
N ALA B 93 -12.58 -18.51 3.66
CA ALA B 93 -13.78 -17.68 3.59
C ALA B 93 -13.79 -16.55 4.62
N ALA B 94 -12.62 -16.23 5.16
CA ALA B 94 -12.53 -15.17 6.16
C ALA B 94 -12.00 -13.89 5.53
N LEU B 95 -12.25 -12.77 6.19
CA LEU B 95 -11.85 -11.46 5.69
C LEU B 95 -10.57 -10.97 6.34
N ARG B 96 -10.01 -9.87 5.83
CA ARG B 96 -8.85 -9.26 6.46
C ARG B 96 -9.28 -8.53 7.73
N SER B 97 -8.30 -7.93 8.42
CA SER B 97 -8.59 -7.31 9.69
C SER B 97 -7.86 -5.99 9.91
N ARG B 98 -8.52 -4.90 9.52
CA ARG B 98 -8.05 -3.54 9.81
C ARG B 98 -6.62 -3.29 9.36
N ARG B 99 -6.05 -2.18 9.83
CA ARG B 99 -4.65 -1.85 9.59
C ARG B 99 -3.98 -1.56 10.91
N ALA B 100 -2.78 -2.09 11.10
CA ALA B 100 -2.07 -1.91 12.37
C ALA B 100 -0.74 -1.22 12.18
N LYS B 101 -0.71 0.09 12.44
CA LYS B 101 0.52 0.87 12.31
C LYS B 101 1.34 0.78 13.60
N LEU B 102 2.43 0.04 13.54
CA LEU B 102 3.31 -0.13 14.69
C LEU B 102 4.43 0.91 14.66
N THR B 103 4.35 1.87 15.58
CA THR B 103 5.38 2.89 15.69
C THR B 103 6.40 2.51 16.77
N VAL B 104 7.56 2.03 16.32
CA VAL B 104 8.62 1.64 17.26
C VAL B 104 9.52 2.81 17.58
N LEU B 105 9.23 3.47 18.71
CA LEU B 105 9.99 4.64 19.16
C LEU B 105 11.40 4.26 19.56
N ILE B 106 12.37 5.10 19.21
CA ILE B 106 13.75 4.84 19.61
C ILE B 106 14.44 6.08 20.18
N PRO B 107 15.15 5.89 21.30
CA PRO B 107 15.92 6.94 21.96
C PRO B 107 17.13 7.38 21.15
N PRO B 108 17.60 8.60 21.39
CA PRO B 108 18.84 9.10 20.79
C PRO B 108 20.05 8.36 21.34
N GLU B 109 21.13 8.30 20.57
CA GLU B 109 22.32 7.60 21.01
C GLU B 109 23.56 8.48 21.03
N GLU B 110 24.24 8.51 22.17
CA GLU B 110 25.53 9.18 22.33
C GLU B 110 25.52 10.63 21.86
N THR B 111 24.46 11.35 22.22
CA THR B 111 24.34 12.78 21.91
C THR B 111 25.33 13.61 22.71
N ARG B 112 26.02 14.52 22.04
CA ARG B 112 27.01 15.39 22.68
C ARG B 112 27.13 16.74 21.98
N ILE B 113 27.87 17.65 22.60
CA ILE B 113 28.08 18.99 22.06
C ILE B 113 29.41 19.07 21.31
N ASP B 114 29.38 19.57 20.07
CA ASP B 114 30.57 19.64 19.25
C ASP B 114 31.54 20.71 19.75
N GLY B 115 32.06 20.49 20.95
CA GLY B 115 33.03 21.40 21.54
C GLY B 115 34.14 20.66 22.26
N GLY B 116 33.99 19.34 22.33
CA GLY B 116 34.93 18.51 23.08
C GLY B 116 34.62 18.56 24.57
N PRO B 117 35.51 18.00 25.40
CA PRO B 117 35.35 18.07 26.85
C PRO B 117 35.32 19.51 27.35
N VAL B 118 36.18 20.34 26.79
CA VAL B 118 36.23 21.77 27.10
C VAL B 118 36.44 22.55 25.81
N ILE B 119 35.67 23.61 25.60
CA ILE B 119 35.80 24.40 24.38
C ILE B 119 36.34 25.80 24.69
N LEU B 120 37.67 25.93 24.59
CA LEU B 120 38.38 27.17 24.89
C LEU B 120 38.37 28.18 23.73
N LEU B 121 37.92 29.40 24.02
CA LEU B 121 37.90 30.47 23.04
C LEU B 121 37.69 31.84 23.68
N PRO B 126 32.13 36.22 19.39
CA PRO B 126 30.82 35.74 18.94
C PRO B 126 30.81 34.25 18.60
N TYR B 127 31.44 33.42 19.42
CA TYR B 127 31.57 31.99 19.15
C TYR B 127 30.25 31.24 19.28
N ASN B 128 30.29 29.94 19.01
CA ASN B 128 29.07 29.15 18.94
C ASN B 128 29.19 27.80 19.63
N LEU B 129 28.04 27.26 20.05
CA LEU B 129 27.97 25.87 20.45
C LEU B 129 26.83 25.21 19.68
N THR B 130 26.79 23.89 19.73
CA THR B 130 25.75 23.14 19.06
C THR B 130 25.64 21.72 19.62
N CYS B 131 24.45 21.36 20.05
CA CYS B 131 24.18 20.01 20.53
C CYS B 131 23.48 19.22 19.43
N ARG B 132 23.83 17.96 19.28
CA ARG B 132 23.34 17.15 18.18
C ARG B 132 22.81 15.79 18.64
N ALA B 133 21.52 15.56 18.42
CA ALA B 133 20.89 14.28 18.72
C ALA B 133 21.01 13.34 17.52
N PHE B 134 21.37 12.09 17.76
CA PHE B 134 21.63 11.16 16.67
C PHE B 134 20.79 9.89 16.72
N ASN B 135 20.20 9.57 15.58
CA ASN B 135 19.49 8.31 15.36
C ASN B 135 18.34 8.08 16.34
N ALA B 136 17.42 9.04 16.38
CA ALA B 136 16.22 8.90 17.19
C ALA B 136 14.98 9.11 16.33
N LYS B 137 13.92 8.37 16.64
CA LYS B 137 12.63 8.60 16.02
C LYS B 137 11.58 8.53 17.12
N PRO B 138 10.74 9.57 17.23
CA PRO B 138 10.72 10.77 16.39
C PRO B 138 11.90 11.69 16.65
N ALA B 139 11.99 12.78 15.89
CA ALA B 139 13.07 13.74 16.04
C ALA B 139 13.16 14.22 17.48
N ALA B 140 14.25 13.87 18.15
CA ALA B 140 14.45 14.23 19.54
C ALA B 140 14.58 15.74 19.71
N THR B 141 14.04 16.27 20.80
CA THR B 141 14.11 17.71 21.04
C THR B 141 15.29 18.05 21.96
N ILE B 142 16.01 19.10 21.59
CA ILE B 142 17.17 19.58 22.35
C ILE B 142 16.78 20.76 23.22
N ILE B 143 17.20 20.74 24.48
CA ILE B 143 16.95 21.86 25.36
C ILE B 143 18.27 22.41 25.94
N TRP B 144 18.47 23.72 25.80
CA TRP B 144 19.71 24.36 26.20
C TRP B 144 19.58 25.11 27.53
N PHE B 145 20.51 24.86 28.46
CA PHE B 145 20.53 25.58 29.74
C PHE B 145 21.80 25.33 30.55
N ARG B 146 22.38 26.39 31.10
CA ARG B 146 23.57 26.21 31.94
C ARG B 146 23.17 25.65 33.33
N ASP B 147 22.17 26.28 33.95
CA ASP B 147 21.65 25.85 35.24
C ASP B 147 20.15 26.12 35.30
N GLY B 148 19.70 26.97 34.40
CA GLY B 148 18.28 27.25 34.25
C GLY B 148 18.04 27.45 32.78
N THR B 149 16.84 27.12 32.31
CA THR B 149 16.57 27.03 30.87
C THR B 149 16.96 28.30 30.13
N GLN B 150 17.79 28.13 29.13
CA GLN B 150 18.27 29.23 28.32
C GLN B 150 17.78 29.04 26.90
N GLN B 151 16.46 28.98 26.76
CA GLN B 151 15.78 28.85 25.47
C GLN B 151 16.29 29.85 24.44
N GLU B 152 16.63 31.05 24.92
CA GLU B 152 17.19 32.10 24.07
C GLU B 152 18.46 31.62 23.38
N GLY B 153 18.46 31.69 22.05
CA GLY B 153 19.63 31.30 21.27
C GLY B 153 19.55 29.94 20.61
N ALA B 154 18.88 29.00 21.27
CA ALA B 154 18.76 27.63 20.75
C ALA B 154 18.08 27.58 19.38
N VAL B 155 18.75 26.97 18.41
CA VAL B 155 18.22 26.84 17.05
C VAL B 155 18.07 25.39 16.66
N THR B 156 16.85 24.89 16.77
CA THR B 156 16.55 23.50 16.48
C THR B 156 16.44 23.26 14.97
N SER B 157 17.26 22.33 14.48
CA SER B 157 17.24 21.96 13.07
C SER B 157 17.32 20.43 12.89
N THR B 158 16.26 19.86 12.32
CA THR B 158 16.16 18.42 12.13
C THR B 158 16.81 17.96 10.81
N GLU B 159 17.62 16.90 10.92
CA GLU B 159 18.27 16.32 9.75
C GLU B 159 17.82 14.87 9.60
N LEU B 160 17.16 14.58 8.49
CA LEU B 160 16.70 13.22 8.22
C LEU B 160 17.89 12.30 7.98
N LEU B 161 17.68 11.01 8.21
CA LEU B 161 18.76 10.04 8.10
C LEU B 161 18.64 9.19 6.84
N LYS B 162 19.55 8.25 6.67
CA LYS B 162 19.65 7.42 5.48
C LYS B 162 18.34 6.67 5.19
N ASP B 163 17.90 5.88 6.16
CA ASP B 163 16.70 5.07 6.03
C ASP B 163 15.39 5.88 6.01
N GLY B 164 15.49 7.19 6.16
CA GLY B 164 14.33 8.06 6.09
C GLY B 164 13.29 7.86 7.19
N LYS B 165 13.53 6.92 8.09
CA LYS B 165 12.62 6.67 9.22
C LYS B 165 13.00 7.50 10.45
N ARG B 166 14.29 7.52 10.77
CA ARG B 166 14.77 8.25 11.94
C ARG B 166 15.47 9.55 11.54
N GLU B 167 15.68 10.42 12.51
CA GLU B 167 16.27 11.72 12.24
C GLU B 167 17.41 12.05 13.19
N THR B 168 18.09 13.17 12.91
CA THR B 168 19.21 13.62 13.73
C THR B 168 19.15 15.13 13.96
N THR B 169 18.30 15.53 14.91
CA THR B 169 18.12 16.94 15.26
C THR B 169 19.40 17.58 15.80
N ILE B 170 19.73 18.76 15.29
CA ILE B 170 20.91 19.48 15.78
C ILE B 170 20.52 20.92 16.17
N SER B 171 20.76 21.27 17.43
CA SER B 171 20.44 22.60 17.92
C SER B 171 21.68 23.45 18.01
N GLN B 172 21.74 24.48 17.18
CA GLN B 172 22.88 25.39 17.15
C GLN B 172 22.64 26.54 18.12
N LEU B 173 23.56 26.72 19.06
CA LEU B 173 23.38 27.75 20.08
C LEU B 173 24.17 29.01 19.74
N LEU B 174 23.54 30.17 20.00
CA LEU B 174 24.15 31.47 19.71
C LEU B 174 24.76 32.08 20.96
N ILE B 175 25.95 31.62 21.33
CA ILE B 175 26.61 32.13 22.52
C ILE B 175 27.48 33.33 22.16
N GLU B 176 27.92 34.07 23.17
CA GLU B 176 28.90 35.13 22.98
C GLU B 176 29.73 35.22 24.26
N PRO B 177 30.66 34.28 24.44
CA PRO B 177 31.47 34.07 25.65
C PRO B 177 32.14 35.31 26.20
N THR B 178 32.36 35.31 27.51
CA THR B 178 32.97 36.44 28.19
C THR B 178 33.72 35.96 29.43
N ASP B 179 34.29 36.91 30.18
CA ASP B 179 35.05 36.59 31.38
C ASP B 179 34.17 35.96 32.45
N LEU B 180 32.85 36.02 32.25
CA LEU B 180 31.88 35.50 33.21
C LEU B 180 31.66 34.01 33.05
N ASP B 181 31.27 33.63 31.84
CA ASP B 181 30.89 32.26 31.52
C ASP B 181 32.02 31.25 31.72
N ILE B 182 33.23 31.75 31.97
CA ILE B 182 34.35 30.86 32.23
C ILE B 182 34.09 30.07 33.51
N GLY B 183 34.46 28.80 33.49
CA GLY B 183 34.20 27.92 34.62
C GLY B 183 32.75 27.50 34.73
N ARG B 184 31.89 28.12 33.92
CA ARG B 184 30.47 27.82 33.97
C ARG B 184 30.05 26.78 32.93
N VAL B 185 29.44 25.71 33.42
CA VAL B 185 29.03 24.58 32.58
C VAL B 185 27.78 24.91 31.76
N PHE B 186 27.77 24.46 30.52
CA PHE B 186 26.61 24.56 29.65
C PHE B 186 26.10 23.17 29.34
N THR B 187 24.99 22.76 29.95
CA THR B 187 24.49 21.41 29.72
C THR B 187 23.42 21.39 28.65
N CYS B 188 23.34 20.26 27.93
CA CYS B 188 22.40 20.12 26.83
C CYS B 188 21.66 18.80 26.93
N ARG B 189 20.35 18.86 27.12
CA ARG B 189 19.54 17.66 27.21
C ARG B 189 18.78 17.44 25.92
N SER B 190 18.50 16.17 25.64
CA SER B 190 17.82 15.76 24.42
C SER B 190 16.89 14.59 24.71
N MET B 191 15.61 14.81 24.45
CA MET B 191 14.60 13.81 24.73
C MET B 191 13.64 13.63 23.55
N ASN B 192 12.88 12.55 23.58
CA ASN B 192 11.88 12.30 22.56
C ASN B 192 10.76 11.47 23.19
N GLU B 193 9.76 11.12 22.38
CA GLU B 193 8.65 10.31 22.85
C GLU B 193 9.14 8.99 23.45
N ALA B 194 10.32 8.56 23.02
CA ALA B 194 10.94 7.34 23.54
C ALA B 194 11.62 7.60 24.89
N ILE B 195 11.90 8.88 25.16
CA ILE B 195 12.65 9.26 26.37
C ILE B 195 11.92 10.30 27.23
N PRO B 196 11.48 9.88 28.43
CA PRO B 196 10.81 10.78 29.38
C PRO B 196 11.73 11.87 29.90
N ASN B 197 12.96 11.49 30.26
CA ASN B 197 13.95 12.44 30.75
C ASN B 197 15.22 12.30 29.94
N GLY B 198 15.52 13.33 29.16
CA GLY B 198 16.62 13.26 28.20
C GLY B 198 17.99 13.20 28.81
N LYS B 199 18.96 12.65 28.08
CA LYS B 199 20.34 12.59 28.55
C LYS B 199 21.00 13.95 28.40
N GLU B 200 21.99 14.23 29.23
CA GLU B 200 22.66 15.53 29.20
C GLU B 200 24.18 15.41 29.17
N THR B 201 24.80 16.33 28.44
CA THR B 201 26.24 16.42 28.36
C THR B 201 26.75 17.71 28.96
N SER B 202 27.70 17.59 29.91
CA SER B 202 28.23 18.76 30.59
C SER B 202 29.55 19.21 29.97
N ILE B 203 29.56 20.45 29.46
CA ILE B 203 30.75 20.99 28.81
C ILE B 203 31.24 22.26 29.52
N GLU B 204 32.53 22.54 29.44
CA GLU B 204 33.12 23.70 30.11
C GLU B 204 33.51 24.79 29.15
N LEU B 205 33.03 26.00 29.41
CA LEU B 205 33.38 27.17 28.62
C LEU B 205 34.72 27.75 29.08
N ASP B 206 35.41 28.45 28.18
CA ASP B 206 36.70 29.06 28.50
C ASP B 206 37.08 30.12 27.45
N VAL B 207 37.77 31.17 27.88
CA VAL B 207 38.15 32.27 26.99
C VAL B 207 39.66 32.41 26.85
#